data_4GU3
#
_entry.id   4GU3
#
_cell.length_a   147.460
_cell.length_b   147.460
_cell.length_c   164.480
_cell.angle_alpha   90.00
_cell.angle_beta   90.00
_cell.angle_gamma   120.00
#
_symmetry.space_group_name_H-M   'P 32 2 1'
#
loop_
_entity.id
_entity.type
_entity.pdbx_description
1 polymer 'Outer capsid protein sigma-1'
2 branched 'N-acetyl-alpha-neuraminic acid-(2-3)-[2-acetamido-2-deoxy-beta-D-galactopyranose-(1-4)]beta-D-galactopyranose-(1-4)-beta-D-glucopyranose'
#
_entity_poly.entity_id   1
_entity_poly.type   'polypeptide(L)'
_entity_poly.pdbx_seq_one_letter_code
;GVLNQGVTSLESAKIDSVLPPLTVREASGVRTLSFGYDTSDFTIINSVLSLRSRLTLPTYRYPLELDTANNRVQVADRFG
MRTGTWTGQLQYQHPQLSWRANVTLNLMKVDDWLVLSFSQMTTNSIMADGKFVINFVSGLSSGWQTGDTEPSSTIDPLST
TFAAVQFLNNGQRIDAFRIMGVSEWTDGELEIKNYGGTYTGHTQVYWAPWTIMYPCNVR
;
_entity_poly.pdbx_strand_id   A,B,C
#
# COMPACT_ATOMS: atom_id res chain seq x y z
N LYS A 14 3.50 -68.99 -21.73
CA LYS A 14 2.87 -67.84 -22.39
C LYS A 14 1.92 -67.02 -21.47
N ILE A 15 1.62 -65.76 -21.90
CA ILE A 15 0.71 -64.82 -21.23
C ILE A 15 -0.68 -65.11 -21.82
N ASP A 16 -1.57 -65.68 -20.99
CA ASP A 16 -2.94 -66.04 -21.35
C ASP A 16 -3.77 -64.75 -21.60
N SER A 17 -3.93 -63.90 -20.55
CA SER A 17 -4.65 -62.62 -20.60
C SER A 17 -3.86 -61.36 -20.12
N VAL A 18 -4.44 -60.16 -20.39
CA VAL A 18 -3.85 -58.85 -20.09
C VAL A 18 -4.85 -57.88 -19.45
N LEU A 19 -4.43 -57.23 -18.41
CA LEU A 19 -5.24 -56.30 -17.66
C LEU A 19 -5.08 -54.87 -18.13
N PRO A 20 -6.16 -54.04 -18.09
CA PRO A 20 -5.99 -52.60 -18.42
C PRO A 20 -5.06 -51.91 -17.43
N PRO A 21 -4.21 -50.95 -17.89
CA PRO A 21 -4.16 -50.30 -19.20
C PRO A 21 -3.86 -51.16 -20.41
N LEU A 22 -3.13 -52.26 -20.22
CA LEU A 22 -2.78 -53.12 -21.33
C LEU A 22 -4.02 -53.74 -21.99
N THR A 23 -4.03 -53.77 -23.35
CA THR A 23 -5.09 -54.36 -24.20
C THR A 23 -4.45 -54.93 -25.42
N VAL A 24 -5.07 -55.99 -25.96
CA VAL A 24 -4.61 -56.60 -27.19
C VAL A 24 -5.67 -56.54 -28.30
N ARG A 25 -5.26 -56.12 -29.51
CA ARG A 25 -6.13 -56.08 -30.69
C ARG A 25 -5.64 -57.16 -31.64
N GLU A 26 -6.49 -58.25 -31.75
CA GLU A 26 -6.38 -59.51 -32.54
C GLU A 26 -6.76 -59.32 -34.03
N ALA A 27 -6.63 -58.06 -34.50
CA ALA A 27 -6.88 -57.61 -35.87
C ALA A 27 -5.92 -58.30 -36.91
N SER A 28 -6.56 -59.21 -37.72
CA SER A 28 -6.03 -60.03 -38.82
C SER A 28 -5.11 -61.15 -38.35
N GLY A 29 -5.63 -61.98 -37.43
CA GLY A 29 -4.91 -63.12 -36.86
C GLY A 29 -3.60 -62.82 -36.14
N VAL A 30 -3.34 -61.51 -35.85
CA VAL A 30 -2.16 -60.98 -35.16
C VAL A 30 -2.50 -60.11 -33.93
N ARG A 31 -2.31 -60.71 -32.75
CA ARG A 31 -2.52 -60.11 -31.42
C ARG A 31 -1.44 -58.97 -31.13
N THR A 32 -1.89 -57.69 -31.08
CA THR A 32 -0.95 -56.60 -30.79
C THR A 32 -1.12 -55.94 -29.44
N LEU A 33 -0.13 -56.18 -28.57
CA LEU A 33 -0.14 -55.58 -27.24
C LEU A 33 0.28 -54.12 -27.30
N SER A 34 -0.52 -53.30 -26.60
CA SER A 34 -0.41 -51.85 -26.52
C SER A 34 -0.77 -51.34 -25.11
N PHE A 35 -0.21 -50.17 -24.76
CA PHE A 35 -0.48 -49.55 -23.47
C PHE A 35 -1.56 -48.47 -23.59
N GLY A 36 -2.62 -48.61 -22.79
CA GLY A 36 -3.72 -47.64 -22.83
C GLY A 36 -3.52 -46.42 -21.97
N TYR A 37 -3.42 -45.21 -22.55
CA TYR A 37 -3.25 -44.00 -21.73
C TYR A 37 -4.24 -42.90 -22.06
N ASP A 38 -4.51 -42.02 -21.07
CA ASP A 38 -5.42 -40.87 -21.23
C ASP A 38 -4.82 -39.88 -22.23
N THR A 39 -5.50 -39.71 -23.41
CA THR A 39 -5.08 -38.87 -24.54
C THR A 39 -4.62 -37.46 -24.18
N SER A 40 -5.26 -36.85 -23.13
CA SER A 40 -5.01 -35.48 -22.62
C SER A 40 -4.00 -35.37 -21.45
N ASP A 41 -3.87 -36.44 -20.65
CA ASP A 41 -2.97 -36.50 -19.50
C ASP A 41 -1.56 -36.89 -19.94
N PHE A 42 -1.44 -37.81 -20.91
CA PHE A 42 -0.12 -38.26 -21.38
C PHE A 42 0.04 -38.27 -22.89
N THR A 43 1.26 -38.56 -23.32
CA THR A 43 1.57 -38.71 -24.73
C THR A 43 2.79 -39.61 -24.92
N ILE A 44 3.20 -39.76 -26.17
CA ILE A 44 4.36 -40.54 -26.48
C ILE A 44 5.33 -39.69 -27.20
N ILE A 45 6.49 -39.53 -26.58
CA ILE A 45 7.60 -38.76 -27.12
C ILE A 45 8.75 -39.68 -27.02
N ASN A 46 9.54 -39.71 -28.09
CA ASN A 46 10.75 -40.52 -28.23
C ASN A 46 10.46 -41.93 -27.76
N SER A 47 9.30 -42.46 -28.29
CA SER A 47 8.73 -43.79 -28.09
C SER A 47 8.50 -44.17 -26.61
N VAL A 48 8.33 -43.15 -25.71
CA VAL A 48 8.10 -43.39 -24.27
C VAL A 48 6.91 -42.61 -23.68
N LEU A 49 6.26 -43.17 -22.64
CA LEU A 49 5.15 -42.48 -22.00
C LEU A 49 5.70 -41.28 -21.29
N SER A 50 5.16 -40.12 -21.62
CA SER A 50 5.56 -38.85 -21.06
C SER A 50 4.31 -38.09 -20.68
N LEU A 51 4.51 -36.96 -20.01
CA LEU A 51 3.39 -36.14 -19.59
C LEU A 51 3.09 -35.09 -20.61
N ARG A 52 1.82 -35.00 -20.97
CA ARG A 52 1.33 -34.00 -21.87
C ARG A 52 1.16 -32.82 -20.94
N SER A 53 1.85 -31.71 -21.28
CA SER A 53 1.87 -30.45 -20.51
C SER A 53 2.16 -30.57 -19.00
N ARG A 54 3.46 -30.74 -18.64
CA ARG A 54 3.92 -30.80 -17.26
C ARG A 54 3.79 -29.36 -16.73
N LEU A 55 3.17 -29.20 -15.54
CA LEU A 55 2.93 -27.86 -15.03
C LEU A 55 4.05 -27.24 -14.25
N THR A 56 4.55 -26.12 -14.79
CA THR A 56 5.61 -25.36 -14.15
C THR A 56 5.02 -24.37 -13.14
N LEU A 57 5.50 -24.46 -11.88
CA LEU A 57 5.05 -23.60 -10.82
C LEU A 57 5.69 -22.21 -10.97
N PRO A 58 4.90 -21.10 -10.86
CA PRO A 58 5.48 -19.76 -11.07
C PRO A 58 6.39 -19.29 -9.96
N THR A 59 7.26 -18.33 -10.28
CA THR A 59 8.12 -17.66 -9.29
C THR A 59 7.42 -16.38 -8.86
N TYR A 60 8.02 -15.64 -7.91
CA TYR A 60 7.39 -14.44 -7.38
C TYR A 60 8.30 -13.23 -7.33
N ARG A 61 7.80 -12.10 -7.82
CA ARG A 61 8.54 -10.83 -7.79
C ARG A 61 8.18 -10.06 -6.53
N TYR A 62 9.21 -9.42 -5.92
CA TYR A 62 9.05 -8.58 -4.74
C TYR A 62 7.94 -7.55 -4.98
N PRO A 63 7.09 -7.27 -3.98
CA PRO A 63 7.08 -7.74 -2.58
C PRO A 63 6.48 -9.10 -2.32
N LEU A 64 6.13 -9.86 -3.37
CA LEU A 64 5.62 -11.21 -3.19
C LEU A 64 6.82 -12.12 -3.04
N GLU A 65 6.73 -13.08 -2.12
CA GLU A 65 7.83 -14.03 -1.91
C GLU A 65 7.32 -15.40 -1.52
N LEU A 66 8.11 -16.44 -1.85
CA LEU A 66 7.75 -17.80 -1.44
C LEU A 66 8.52 -18.19 -0.22
N ASP A 67 7.81 -18.47 0.87
CA ASP A 67 8.41 -18.98 2.11
C ASP A 67 8.56 -20.48 1.85
N THR A 68 9.74 -20.89 1.41
CA THR A 68 10.03 -22.29 1.05
C THR A 68 9.92 -23.26 2.22
N ALA A 69 10.20 -22.77 3.43
CA ALA A 69 10.13 -23.56 4.66
C ALA A 69 8.73 -24.05 4.97
N ASN A 70 7.69 -23.25 4.67
CA ASN A 70 6.31 -23.63 4.95
C ASN A 70 5.47 -23.69 3.68
N ASN A 71 6.14 -23.60 2.51
CA ASN A 71 5.48 -23.59 1.19
C ASN A 71 4.28 -22.63 1.21
N ARG A 72 4.57 -21.35 1.52
CA ARG A 72 3.55 -20.32 1.62
C ARG A 72 3.98 -19.07 0.89
N VAL A 73 3.06 -18.50 0.12
CA VAL A 73 3.29 -17.25 -0.61
C VAL A 73 2.84 -16.12 0.32
N GLN A 74 3.65 -15.07 0.41
CA GLN A 74 3.31 -13.96 1.29
C GLN A 74 3.85 -12.65 0.76
N VAL A 75 3.41 -11.53 1.40
CA VAL A 75 3.96 -10.23 1.11
C VAL A 75 5.14 -10.09 2.07
N ALA A 76 6.31 -9.67 1.57
CA ALA A 76 7.50 -9.47 2.38
C ALA A 76 7.23 -8.49 3.52
N ASP A 77 7.79 -8.78 4.69
CA ASP A 77 7.55 -7.93 5.85
C ASP A 77 8.06 -6.50 5.69
N ARG A 78 9.22 -6.37 5.02
CA ARG A 78 9.85 -5.08 4.77
C ARG A 78 9.01 -4.13 3.95
N PHE A 79 8.08 -4.69 3.17
CA PHE A 79 7.19 -3.90 2.34
C PHE A 79 6.34 -2.94 3.17
N GLY A 80 5.84 -3.41 4.32
CA GLY A 80 5.06 -2.59 5.23
C GLY A 80 5.89 -1.60 6.04
N MET A 81 7.18 -1.93 6.25
CA MET A 81 8.04 -1.06 7.01
C MET A 81 9.50 -1.34 6.84
N ARG A 82 10.23 -0.34 6.37
CA ARG A 82 11.67 -0.43 6.23
C ARG A 82 12.22 0.90 6.73
N THR A 83 13.03 0.86 7.79
CA THR A 83 13.57 2.09 8.36
C THR A 83 14.99 2.38 7.90
N GLY A 84 15.41 3.61 8.10
CA GLY A 84 16.76 4.05 7.77
C GLY A 84 17.01 5.46 8.27
N THR A 85 18.21 5.96 7.99
CA THR A 85 18.57 7.31 8.37
C THR A 85 19.40 7.93 7.29
N TRP A 86 19.30 9.25 7.17
CA TRP A 86 20.15 9.99 6.28
C TRP A 86 20.87 11.01 7.11
N THR A 87 22.19 11.04 7.00
CA THR A 87 22.99 12.02 7.71
C THR A 87 23.68 12.87 6.69
N GLY A 88 23.45 14.16 6.80
CA GLY A 88 24.04 15.11 5.88
C GLY A 88 23.71 16.52 6.25
N GLN A 89 23.86 17.40 5.27
CA GLN A 89 23.58 18.81 5.45
C GLN A 89 22.35 19.20 4.66
N LEU A 90 21.37 19.71 5.43
CA LEU A 90 20.13 20.23 4.87
C LEU A 90 20.52 21.57 4.27
N GLN A 91 20.32 21.72 2.97
CA GLN A 91 20.69 22.95 2.32
C GLN A 91 19.50 23.85 2.15
N TYR A 92 19.60 25.09 2.67
CA TYR A 92 18.56 26.07 2.42
C TYR A 92 19.07 26.95 1.27
N GLN A 93 18.20 27.20 0.29
CA GLN A 93 18.60 27.94 -0.89
C GLN A 93 17.65 29.04 -1.27
N HIS A 94 18.24 30.21 -1.43
CA HIS A 94 17.54 31.41 -1.88
C HIS A 94 18.62 32.29 -2.49
N PRO A 95 18.32 33.03 -3.55
CA PRO A 95 19.34 33.88 -4.17
C PRO A 95 20.08 34.82 -3.21
N GLN A 96 19.37 35.37 -2.22
CA GLN A 96 19.93 36.33 -1.29
C GLN A 96 20.34 35.77 0.04
N LEU A 97 20.20 34.45 0.22
CA LEU A 97 20.53 33.78 1.47
C LEU A 97 20.57 32.26 1.29
N SER A 98 21.66 31.64 1.68
CA SER A 98 21.76 30.19 1.62
C SER A 98 22.70 29.70 2.71
N TRP A 99 22.36 28.53 3.29
CA TRP A 99 23.15 27.94 4.35
C TRP A 99 23.00 26.43 4.41
N ARG A 100 23.82 25.80 5.24
CA ARG A 100 23.81 24.35 5.42
C ARG A 100 23.74 24.07 6.91
N ALA A 101 22.83 23.14 7.27
CA ALA A 101 22.68 22.73 8.67
C ALA A 101 22.83 21.23 8.78
N ASN A 102 23.54 20.79 9.80
CA ASN A 102 23.77 19.37 10.01
C ASN A 102 22.53 18.74 10.61
N VAL A 103 21.98 17.76 9.91
CA VAL A 103 20.77 17.07 10.36
C VAL A 103 20.92 15.58 10.18
N THR A 104 20.07 14.86 10.89
CA THR A 104 19.91 13.42 10.75
C THR A 104 18.40 13.22 10.71
N LEU A 105 17.94 12.72 9.56
CA LEU A 105 16.53 12.50 9.25
C LEU A 105 16.23 11.06 9.33
N ASN A 106 15.07 10.71 9.92
CA ASN A 106 14.66 9.32 9.91
C ASN A 106 13.85 9.08 8.65
N LEU A 107 14.05 7.91 8.08
CA LEU A 107 13.36 7.52 6.87
C LEU A 107 12.58 6.27 7.10
N MET A 108 11.40 6.18 6.51
CA MET A 108 10.65 4.95 6.52
C MET A 108 9.88 4.68 5.26
N LYS A 109 10.14 3.52 4.66
CA LYS A 109 9.45 3.06 3.49
C LYS A 109 8.23 2.27 3.97
N VAL A 110 7.05 2.78 3.68
CA VAL A 110 5.80 2.13 4.02
C VAL A 110 5.08 1.89 2.72
N ASP A 111 4.98 0.62 2.32
CA ASP A 111 4.35 0.25 1.05
C ASP A 111 5.01 1.02 -0.07
N ASP A 112 4.22 1.75 -0.87
CA ASP A 112 4.76 2.54 -1.97
C ASP A 112 4.97 4.01 -1.63
N TRP A 113 5.28 4.27 -0.33
CA TRP A 113 5.54 5.62 0.17
C TRP A 113 6.88 5.72 0.86
N LEU A 114 7.53 6.88 0.74
CA LEU A 114 8.72 7.16 1.52
C LEU A 114 8.39 8.27 2.50
N VAL A 115 8.61 8.05 3.79
CA VAL A 115 8.35 9.08 4.80
C VAL A 115 9.65 9.64 5.31
N LEU A 116 9.74 10.98 5.40
CA LEU A 116 10.90 11.65 5.98
C LEU A 116 10.47 12.26 7.32
N SER A 117 11.21 11.94 8.40
CA SER A 117 10.88 12.46 9.73
C SER A 117 11.97 13.39 10.26
N PHE A 118 11.61 14.68 10.42
CA PHE A 118 12.51 15.67 10.97
C PHE A 118 12.27 15.84 12.44
N SER A 119 13.35 15.80 13.22
CA SER A 119 13.29 16.06 14.65
C SER A 119 13.31 17.58 14.78
N GLN A 120 13.14 18.10 16.00
CA GLN A 120 13.21 19.55 16.19
C GLN A 120 14.55 20.07 15.74
N MET A 121 14.63 21.32 15.30
CA MET A 121 15.91 21.87 14.89
C MET A 121 15.95 23.38 15.02
N THR A 122 17.17 23.90 15.21
CA THR A 122 17.40 25.35 15.25
C THR A 122 18.29 25.70 14.07
N THR A 123 17.81 26.60 13.21
CA THR A 123 18.59 26.98 12.03
C THR A 123 18.73 28.48 11.98
N ASN A 124 19.58 28.95 11.03
CA ASN A 124 19.73 30.37 10.76
C ASN A 124 18.40 30.87 10.19
N SER A 125 18.31 32.19 10.02
CA SER A 125 17.11 32.82 9.49
C SER A 125 16.84 32.41 8.05
N ILE A 126 15.60 32.60 7.60
CA ILE A 126 15.18 32.25 6.23
C ILE A 126 14.43 33.40 5.57
N MET A 127 14.33 33.38 4.24
CA MET A 127 13.57 34.37 3.50
C MET A 127 12.09 33.97 3.53
N ALA A 128 11.21 34.87 3.04
CA ALA A 128 9.77 34.64 2.98
C ALA A 128 9.39 33.36 2.22
N ASP A 129 10.22 32.93 1.25
CA ASP A 129 10.08 31.68 0.53
C ASP A 129 11.49 31.14 0.26
N GLY A 130 11.59 29.90 -0.24
CA GLY A 130 12.88 29.30 -0.53
C GLY A 130 12.83 27.79 -0.70
N LYS A 131 14.00 27.17 -0.82
CA LYS A 131 14.11 25.74 -1.07
C LYS A 131 14.94 25.05 -0.03
N PHE A 132 14.58 23.81 0.27
CA PHE A 132 15.40 22.93 1.08
C PHE A 132 15.82 21.80 0.17
N VAL A 133 17.11 21.48 0.20
CA VAL A 133 17.63 20.41 -0.63
C VAL A 133 18.31 19.37 0.21
N ILE A 134 17.99 18.12 -0.07
CA ILE A 134 18.58 17.00 0.62
C ILE A 134 19.34 16.18 -0.41
N ASN A 135 20.68 16.08 -0.23
CA ASN A 135 21.50 15.29 -1.16
C ASN A 135 21.70 13.87 -0.71
N PHE A 136 20.93 12.95 -1.32
CA PHE A 136 20.96 11.54 -0.97
C PHE A 136 22.09 10.80 -1.63
N VAL A 137 22.89 11.49 -2.49
CA VAL A 137 24.04 10.86 -3.18
C VAL A 137 24.96 10.13 -2.17
N SER A 138 25.08 10.69 -0.96
CA SER A 138 25.80 10.12 0.15
C SER A 138 25.01 10.40 1.44
N GLY A 139 25.30 9.65 2.49
CA GLY A 139 24.70 9.87 3.80
C GLY A 139 23.67 8.86 4.24
N LEU A 140 23.24 8.02 3.34
CA LEU A 140 22.24 7.02 3.70
C LEU A 140 22.82 5.90 4.55
N SER A 141 22.01 5.41 5.49
CA SER A 141 22.40 4.31 6.35
C SER A 141 22.51 3.02 5.53
N SER A 142 23.06 1.96 6.16
CA SER A 142 23.27 0.68 5.49
C SER A 142 21.97 0.03 5.03
N GLY A 143 22.01 -0.47 3.80
CA GLY A 143 20.88 -1.12 3.16
C GLY A 143 20.23 -0.21 2.16
N TRP A 144 20.47 1.10 2.29
CA TRP A 144 19.84 2.09 1.44
C TRP A 144 20.73 2.58 0.32
N GLN A 145 20.16 2.67 -0.88
CA GLN A 145 20.85 3.24 -2.04
C GLN A 145 20.18 4.57 -2.37
N THR A 146 20.91 5.47 -3.04
CA THR A 146 20.38 6.75 -3.45
C THR A 146 19.12 6.59 -4.28
N GLY A 147 19.12 5.62 -5.16
CA GLY A 147 17.97 5.37 -6.01
C GLY A 147 16.69 5.05 -5.25
N ASP A 148 16.86 4.55 -3.99
CA ASP A 148 15.72 4.20 -3.13
C ASP A 148 14.87 5.38 -2.72
N THR A 149 15.34 6.60 -2.95
CA THR A 149 14.61 7.81 -2.58
C THR A 149 13.93 8.48 -3.75
N GLU A 150 14.00 7.89 -4.93
CA GLU A 150 13.40 8.50 -6.10
C GLU A 150 11.89 8.38 -6.12
N PRO A 151 11.19 9.51 -6.24
CA PRO A 151 9.73 9.50 -6.33
C PRO A 151 9.23 8.72 -7.55
N SER A 152 7.99 8.26 -7.49
CA SER A 152 7.40 7.49 -8.56
C SER A 152 6.60 8.34 -9.53
N SER A 153 6.69 9.66 -9.38
CA SER A 153 6.01 10.58 -10.27
C SER A 153 6.76 11.92 -10.35
N THR A 154 6.52 12.69 -11.43
CA THR A 154 7.16 13.99 -11.60
C THR A 154 6.24 15.12 -11.22
N ILE A 155 4.96 14.80 -10.86
CA ILE A 155 3.93 15.76 -10.47
C ILE A 155 4.47 16.70 -9.39
N ASP A 156 4.17 17.98 -9.54
CA ASP A 156 4.61 18.99 -8.60
C ASP A 156 3.43 19.82 -8.12
N PRO A 157 3.14 19.78 -6.79
CA PRO A 157 3.84 19.04 -5.75
C PRO A 157 3.36 17.61 -5.57
N LEU A 158 4.26 16.74 -5.08
CA LEU A 158 3.91 15.35 -4.80
C LEU A 158 3.13 15.29 -3.52
N SER A 159 3.49 16.15 -2.58
CA SER A 159 2.80 16.27 -1.30
C SER A 159 3.20 17.54 -0.60
N THR A 160 2.29 18.09 0.16
CA THR A 160 2.56 19.29 0.94
C THR A 160 2.24 19.02 2.39
N THR A 161 2.97 19.69 3.30
CA THR A 161 2.73 19.62 4.72
C THR A 161 3.06 20.96 5.36
N PHE A 162 2.67 21.13 6.60
CA PHE A 162 3.02 22.34 7.31
C PHE A 162 4.04 22.03 8.39
N ALA A 163 4.97 22.98 8.62
CA ALA A 163 5.96 22.90 9.67
C ALA A 163 5.65 24.06 10.63
N ALA A 164 5.68 23.78 11.92
CA ALA A 164 5.42 24.83 12.91
C ALA A 164 6.76 25.41 13.31
N VAL A 165 6.87 26.74 13.30
CA VAL A 165 8.14 27.37 13.65
C VAL A 165 7.98 28.48 14.66
N GLN A 166 9.11 28.90 15.20
CA GLN A 166 9.19 30.06 16.05
C GLN A 166 10.28 30.93 15.50
N PHE A 167 9.93 32.16 15.14
CA PHE A 167 10.90 33.12 14.64
C PHE A 167 11.48 33.87 15.82
N LEU A 168 12.83 33.88 15.95
CA LEU A 168 13.49 34.60 17.04
C LEU A 168 13.89 35.94 16.49
N ASN A 169 13.26 37.03 17.02
CA ASN A 169 13.54 38.41 16.58
C ASN A 169 13.79 39.30 17.75
N ASN A 170 15.12 39.47 18.12
CA ASN A 170 15.57 40.26 19.25
C ASN A 170 14.87 39.84 20.58
N GLY A 171 15.17 38.61 20.96
CA GLY A 171 14.71 38.02 22.21
C GLY A 171 13.32 37.43 22.25
N GLN A 172 12.37 37.99 21.45
CA GLN A 172 11.01 37.43 21.44
C GLN A 172 10.83 36.22 20.51
N ARG A 173 10.07 35.20 20.93
CA ARG A 173 9.79 34.03 20.09
C ARG A 173 8.41 34.19 19.44
N ILE A 174 8.35 34.27 18.10
CA ILE A 174 7.10 34.47 17.37
C ILE A 174 6.63 33.22 16.63
N ASP A 175 5.49 32.66 17.05
CA ASP A 175 4.91 31.46 16.43
C ASP A 175 4.41 31.70 15.03
N ALA A 176 4.74 30.79 14.09
CA ALA A 176 4.28 30.89 12.71
C ALA A 176 4.30 29.52 12.06
N PHE A 177 3.91 29.46 10.78
CA PHE A 177 3.95 28.20 10.06
C PHE A 177 4.69 28.36 8.76
N ARG A 178 5.15 27.24 8.22
CA ARG A 178 5.80 27.18 6.93
C ARG A 178 5.16 26.07 6.14
N ILE A 179 4.74 26.36 4.92
CA ILE A 179 4.18 25.30 4.08
C ILE A 179 5.33 24.67 3.27
N MET A 180 5.40 23.34 3.26
CA MET A 180 6.48 22.64 2.58
C MET A 180 5.92 21.68 1.54
N GLY A 181 6.46 21.69 0.34
CA GLY A 181 6.04 20.79 -0.72
C GLY A 181 7.19 20.01 -1.34
N VAL A 182 7.01 18.72 -1.55
CA VAL A 182 8.01 17.89 -2.22
C VAL A 182 7.81 18.22 -3.69
N SER A 183 8.83 18.78 -4.33
CA SER A 183 8.68 19.30 -5.68
C SER A 183 9.52 18.68 -6.74
N GLU A 184 10.70 18.14 -6.39
CA GLU A 184 11.60 17.64 -7.42
C GLU A 184 12.63 16.70 -6.88
N TRP A 185 13.06 15.77 -7.74
CA TRP A 185 14.14 14.86 -7.41
C TRP A 185 15.03 14.80 -8.62
N THR A 186 16.30 15.14 -8.45
CA THR A 186 17.22 15.18 -9.56
C THR A 186 18.54 14.59 -9.16
N ASP A 187 18.86 13.44 -9.76
CA ASP A 187 20.12 12.75 -9.55
C ASP A 187 20.50 12.61 -8.07
N GLY A 188 19.49 12.27 -7.27
CA GLY A 188 19.68 12.04 -5.84
C GLY A 188 19.45 13.24 -4.95
N GLU A 189 19.13 14.39 -5.55
CA GLU A 189 18.87 15.59 -4.77
C GLU A 189 17.37 15.81 -4.68
N LEU A 190 16.81 15.68 -3.48
CA LEU A 190 15.38 15.94 -3.25
C LEU A 190 15.19 17.40 -2.92
N GLU A 191 14.22 18.01 -3.57
CA GLU A 191 13.97 19.44 -3.37
C GLU A 191 12.63 19.66 -2.69
N ILE A 192 12.65 20.32 -1.54
CA ILE A 192 11.43 20.64 -0.80
C ILE A 192 11.25 22.14 -0.78
N LYS A 193 10.24 22.62 -1.52
CA LYS A 193 9.98 24.04 -1.62
C LYS A 193 9.23 24.55 -0.42
N ASN A 194 9.67 25.71 0.11
CA ASN A 194 8.93 26.41 1.15
C ASN A 194 8.17 27.59 0.48
N TYR A 195 6.94 27.35 0.03
CA TYR A 195 6.15 28.35 -0.69
C TYR A 195 5.93 29.62 0.08
N GLY A 196 5.93 29.51 1.41
CA GLY A 196 5.69 30.65 2.28
C GLY A 196 5.03 30.29 3.58
N GLY A 197 4.07 31.11 3.98
CA GLY A 197 3.38 30.95 5.25
C GLY A 197 3.48 32.28 5.97
N THR A 198 3.17 32.29 7.28
CA THR A 198 3.26 33.53 8.06
C THR A 198 4.72 33.86 8.30
N TYR A 199 5.03 35.17 8.46
CA TYR A 199 6.43 35.57 8.52
C TYR A 199 6.65 36.86 9.26
N THR A 200 7.84 37.03 9.81
CA THR A 200 8.30 38.25 10.47
C THR A 200 9.81 38.28 10.39
N GLY A 201 10.39 39.47 10.47
CA GLY A 201 11.84 39.62 10.43
C GLY A 201 12.41 38.87 11.61
N HIS A 202 13.49 38.11 11.39
CA HIS A 202 14.05 37.28 12.46
C HIS A 202 15.53 37.01 12.26
N THR A 203 16.20 36.51 13.32
CA THR A 203 17.64 36.20 13.40
C THR A 203 17.87 34.70 13.29
N GLN A 204 16.88 33.92 13.77
CA GLN A 204 16.96 32.47 13.80
C GLN A 204 15.63 31.80 13.88
N VAL A 205 15.61 30.53 13.47
CA VAL A 205 14.37 29.77 13.40
C VAL A 205 14.39 28.51 14.28
N TYR A 206 13.35 28.36 15.09
CA TYR A 206 13.17 27.15 15.82
C TYR A 206 12.10 26.37 15.04
N TRP A 207 12.43 25.13 14.62
CA TRP A 207 11.49 24.29 13.91
C TRP A 207 11.04 23.19 14.79
N ALA A 208 9.72 23.03 14.94
CA ALA A 208 9.18 21.91 15.68
C ALA A 208 9.35 20.66 14.77
N PRO A 209 9.23 19.43 15.32
CA PRO A 209 9.36 18.27 14.44
C PRO A 209 8.24 18.26 13.38
N TRP A 210 8.51 17.56 12.28
CA TRP A 210 7.54 17.43 11.21
C TRP A 210 7.89 16.27 10.30
N THR A 211 6.88 15.74 9.63
CA THR A 211 7.09 14.66 8.68
C THR A 211 6.54 15.08 7.34
N ILE A 212 7.11 14.52 6.29
CA ILE A 212 6.64 14.71 4.94
C ILE A 212 6.82 13.38 4.19
N MET A 213 5.83 13.02 3.37
CA MET A 213 5.96 11.78 2.61
C MET A 213 5.59 11.95 1.18
N TYR A 214 6.09 11.07 0.32
CA TYR A 214 5.78 11.14 -1.08
C TYR A 214 5.75 9.75 -1.70
N PRO A 215 5.08 9.58 -2.86
CA PRO A 215 5.04 8.25 -3.48
C PRO A 215 6.40 7.80 -3.98
N CYS A 216 6.74 6.55 -3.72
CA CYS A 216 8.04 6.00 -4.02
C CYS A 216 7.91 4.48 -4.15
N ASN A 217 8.12 3.93 -5.36
CA ASN A 217 7.92 2.49 -5.57
C ASN A 217 9.20 1.70 -5.81
N VAL A 218 10.28 2.10 -5.16
CA VAL A 218 11.57 1.40 -5.28
C VAL A 218 11.73 0.46 -4.05
N LYS B 14 7.66 -65.18 -29.32
CA LYS B 14 6.95 -64.98 -28.05
C LYS B 14 7.71 -64.05 -27.08
N ILE B 15 6.98 -63.44 -26.09
CA ILE B 15 7.57 -62.63 -24.98
C ILE B 15 7.78 -63.66 -23.88
N ASP B 16 9.08 -64.03 -23.63
CA ASP B 16 9.51 -65.03 -22.65
C ASP B 16 9.22 -64.51 -21.24
N SER B 17 9.86 -63.37 -20.84
CA SER B 17 9.63 -62.71 -19.54
C SER B 17 9.39 -61.16 -19.62
N VAL B 18 9.08 -60.56 -18.43
CA VAL B 18 8.81 -59.14 -18.24
C VAL B 18 9.64 -58.59 -17.11
N LEU B 19 9.68 -57.25 -17.00
CA LEU B 19 10.36 -56.46 -15.95
C LEU B 19 9.34 -55.51 -15.44
N PRO B 20 9.46 -55.06 -14.19
CA PRO B 20 8.54 -54.03 -13.68
C PRO B 20 8.50 -52.75 -14.53
N PRO B 21 7.38 -52.05 -14.53
CA PRO B 21 6.14 -52.26 -13.74
C PRO B 21 5.36 -53.53 -14.09
N LEU B 22 5.60 -54.07 -15.30
CA LEU B 22 5.00 -55.28 -15.85
C LEU B 22 5.32 -56.50 -15.00
N THR B 23 4.27 -57.27 -14.68
CA THR B 23 4.31 -58.45 -13.81
C THR B 23 3.39 -59.50 -14.29
N VAL B 24 3.85 -60.75 -14.20
CA VAL B 24 3.07 -61.91 -14.62
C VAL B 24 2.73 -62.85 -13.47
N ARG B 25 1.48 -62.77 -12.95
CA ARG B 25 1.00 -63.64 -11.87
C ARG B 25 0.26 -64.82 -12.51
N GLU B 26 0.83 -66.07 -12.48
CA GLU B 26 0.20 -67.29 -13.06
C GLU B 26 -0.83 -67.97 -12.11
N ALA B 27 -1.40 -67.13 -11.20
CA ALA B 27 -2.41 -67.40 -10.18
C ALA B 27 -3.75 -67.94 -10.77
N SER B 28 -4.29 -69.02 -10.12
CA SER B 28 -5.53 -69.76 -10.45
C SER B 28 -5.43 -70.45 -11.84
N GLY B 29 -4.26 -71.06 -12.11
CA GLY B 29 -3.93 -71.75 -13.36
C GLY B 29 -3.95 -70.91 -14.63
N VAL B 30 -3.96 -69.56 -14.47
CA VAL B 30 -3.98 -68.59 -15.57
C VAL B 30 -2.86 -67.53 -15.50
N ARG B 31 -1.85 -67.69 -16.40
CA ARG B 31 -0.71 -66.77 -16.54
C ARG B 31 -1.18 -65.42 -17.16
N THR B 32 -1.43 -64.43 -16.27
CA THR B 32 -1.94 -63.09 -16.59
C THR B 32 -0.91 -61.92 -16.36
N LEU B 33 -0.92 -60.91 -17.30
CA LEU B 33 -0.04 -59.72 -17.33
C LEU B 33 -0.75 -58.48 -16.87
N SER B 34 -0.11 -57.68 -16.01
CA SER B 34 -0.66 -56.41 -15.52
C SER B 34 0.45 -55.36 -15.42
N PHE B 35 0.04 -54.11 -15.40
CA PHE B 35 0.98 -53.00 -15.35
C PHE B 35 0.86 -52.37 -13.98
N GLY B 36 1.93 -52.41 -13.20
CA GLY B 36 1.94 -51.89 -11.83
C GLY B 36 2.11 -50.40 -11.72
N TYR B 37 1.13 -49.69 -11.21
CA TYR B 37 1.27 -48.25 -11.10
C TYR B 37 1.03 -47.77 -9.65
N ASP B 38 1.43 -46.52 -9.35
CA ASP B 38 1.20 -45.86 -8.06
C ASP B 38 -0.26 -45.53 -7.99
N THR B 39 -0.94 -46.20 -7.07
CA THR B 39 -2.37 -46.14 -6.79
C THR B 39 -2.95 -44.72 -6.55
N SER B 40 -2.15 -43.84 -5.94
CA SER B 40 -2.50 -42.45 -5.62
C SER B 40 -2.08 -41.42 -6.68
N ASP B 41 -1.27 -41.81 -7.64
CA ASP B 41 -0.81 -40.89 -8.67
C ASP B 41 -1.69 -40.99 -9.88
N PHE B 42 -2.02 -42.25 -10.22
CA PHE B 42 -2.80 -42.64 -11.37
C PHE B 42 -3.90 -43.57 -11.00
N THR B 43 -4.94 -43.62 -11.86
CA THR B 43 -6.04 -44.58 -11.81
C THR B 43 -6.55 -44.79 -13.20
N ILE B 44 -6.82 -46.06 -13.52
CA ILE B 44 -7.39 -46.48 -14.77
C ILE B 44 -8.86 -46.15 -14.67
N ILE B 45 -9.38 -45.59 -15.76
CA ILE B 45 -10.75 -45.16 -16.04
C ILE B 45 -10.84 -45.37 -17.54
N ASN B 46 -11.99 -45.85 -18.07
CA ASN B 46 -12.15 -46.14 -19.52
C ASN B 46 -11.03 -47.04 -20.09
N SER B 47 -10.48 -47.88 -19.18
CA SER B 47 -9.41 -48.83 -19.42
C SER B 47 -8.05 -48.22 -19.91
N VAL B 48 -7.83 -46.92 -19.58
CA VAL B 48 -6.59 -46.17 -19.86
C VAL B 48 -6.00 -45.52 -18.61
N LEU B 49 -4.65 -45.49 -18.51
CA LEU B 49 -3.93 -44.87 -17.39
C LEU B 49 -4.24 -43.42 -17.42
N SER B 50 -4.68 -42.90 -16.28
CA SER B 50 -5.06 -41.50 -16.17
C SER B 50 -4.63 -40.96 -14.83
N LEU B 51 -4.45 -39.65 -14.76
CA LEU B 51 -3.99 -39.01 -13.54
C LEU B 51 -5.11 -38.87 -12.55
N ARG B 52 -4.92 -39.41 -11.37
CA ARG B 52 -5.82 -39.29 -10.25
C ARG B 52 -5.51 -37.86 -9.72
N SER B 53 -6.47 -36.93 -9.86
CA SER B 53 -6.36 -35.50 -9.46
C SER B 53 -5.33 -34.63 -10.21
N ARG B 54 -5.66 -34.22 -11.46
CA ARG B 54 -4.82 -33.31 -12.25
C ARG B 54 -5.04 -31.93 -11.61
N LEU B 55 -3.93 -31.23 -11.31
CA LEU B 55 -4.02 -29.95 -10.61
C LEU B 55 -4.19 -28.74 -11.46
N THR B 56 -5.29 -28.02 -11.19
CA THR B 56 -5.61 -26.76 -11.85
C THR B 56 -4.93 -25.60 -11.12
N LEU B 57 -4.11 -24.84 -11.88
CA LEU B 57 -3.35 -23.72 -11.37
C LEU B 57 -4.26 -22.52 -11.18
N PRO B 58 -4.16 -21.80 -10.03
CA PRO B 58 -5.08 -20.66 -9.80
C PRO B 58 -4.82 -19.45 -10.69
N THR B 59 -5.86 -18.62 -10.85
CA THR B 59 -5.72 -17.34 -11.56
C THR B 59 -5.45 -16.26 -10.50
N TYR B 60 -5.28 -15.01 -10.96
CA TYR B 60 -4.96 -13.93 -10.05
C TYR B 60 -5.80 -12.69 -10.28
N ARG B 61 -6.33 -12.13 -9.18
CA ARG B 61 -7.12 -10.90 -9.25
C ARG B 61 -6.22 -9.70 -9.02
N TYR B 62 -6.46 -8.62 -9.78
CA TYR B 62 -5.74 -7.35 -9.67
C TYR B 62 -5.76 -6.89 -8.20
N PRO B 63 -4.63 -6.34 -7.68
CA PRO B 63 -3.36 -6.01 -8.33
C PRO B 63 -2.37 -7.14 -8.52
N LEU B 64 -2.77 -8.39 -8.23
CA LEU B 64 -1.90 -9.54 -8.48
C LEU B 64 -2.06 -9.89 -9.96
N GLU B 65 -0.95 -10.22 -10.60
CA GLU B 65 -1.00 -10.62 -12.00
C GLU B 65 0.04 -11.67 -12.33
N LEU B 66 -0.24 -12.50 -13.35
CA LEU B 66 0.72 -13.49 -13.78
C LEU B 66 1.44 -12.97 -15.00
N ASP B 67 2.76 -12.81 -14.91
CA ASP B 67 3.60 -12.45 -16.05
C ASP B 67 3.82 -13.77 -16.78
N THR B 68 2.99 -14.02 -17.80
CA THR B 68 3.02 -15.28 -18.56
C THR B 68 4.32 -15.50 -19.30
N ALA B 69 4.96 -14.41 -19.72
CA ALA B 69 6.23 -14.44 -20.45
C ALA B 69 7.36 -15.07 -19.63
N ASN B 70 7.39 -14.82 -18.32
CA ASN B 70 8.45 -15.34 -17.45
C ASN B 70 7.91 -16.25 -16.35
N ASN B 71 6.61 -16.61 -16.46
CA ASN B 71 5.90 -17.43 -15.48
C ASN B 71 6.22 -16.93 -14.05
N ARG B 72 5.91 -15.64 -13.80
CA ARG B 72 6.15 -15.01 -12.51
C ARG B 72 4.93 -14.26 -12.03
N VAL B 73 4.59 -14.43 -10.77
CA VAL B 73 3.45 -13.72 -10.15
C VAL B 73 4.00 -12.44 -9.56
N GLN B 74 3.31 -11.31 -9.78
CA GLN B 74 3.78 -10.03 -9.26
C GLN B 74 2.64 -9.11 -8.92
N VAL B 75 2.96 -7.99 -8.26
CA VAL B 75 2.01 -6.92 -8.02
C VAL B 75 2.13 -6.01 -9.24
N ALA B 76 0.99 -5.64 -9.87
CA ALA B 76 0.98 -4.77 -11.04
C ALA B 76 1.66 -3.46 -10.74
N ASP B 77 2.44 -2.95 -11.72
CA ASP B 77 3.17 -1.69 -11.52
C ASP B 77 2.28 -0.50 -11.26
N ARG B 78 1.13 -0.47 -11.93
CA ARG B 78 0.17 0.61 -11.81
C ARG B 78 -0.39 0.77 -10.42
N PHE B 79 -0.35 -0.32 -9.64
CA PHE B 79 -0.86 -0.30 -8.29
C PHE B 79 -0.12 0.71 -7.41
N GLY B 80 1.21 0.78 -7.59
CA GLY B 80 2.05 1.72 -6.86
C GLY B 80 1.94 3.15 -7.36
N MET B 81 1.58 3.30 -8.63
CA MET B 81 1.47 4.63 -9.21
C MET B 81 0.72 4.66 -10.51
N ARG B 82 -0.36 5.42 -10.51
CA ARG B 82 -1.14 5.64 -11.70
C ARG B 82 -1.47 7.12 -11.71
N THR B 83 -1.01 7.84 -12.74
CA THR B 83 -1.25 9.28 -12.81
C THR B 83 -2.40 9.64 -13.70
N GLY B 84 -2.88 10.86 -13.55
CA GLY B 84 -3.98 11.37 -14.34
C GLY B 84 -4.23 12.84 -14.09
N THR B 85 -5.20 13.40 -14.77
CA THR B 85 -5.53 14.78 -14.59
C THR B 85 -7.01 14.95 -14.64
N TRP B 86 -7.51 15.94 -13.93
CA TRP B 86 -8.90 16.32 -14.02
C TRP B 86 -8.94 17.76 -14.43
N THR B 87 -9.68 18.05 -15.49
CA THR B 87 -9.85 19.42 -15.94
C THR B 87 -11.29 19.78 -15.81
N GLY B 88 -11.55 20.84 -15.08
CA GLY B 88 -12.90 21.28 -14.87
C GLY B 88 -12.95 22.56 -14.07
N GLN B 89 -14.10 22.81 -13.47
CA GLN B 89 -14.32 23.99 -12.66
C GLN B 89 -14.46 23.63 -11.21
N LEU B 90 -13.57 24.20 -10.42
CA LEU B 90 -13.56 24.05 -8.98
C LEU B 90 -14.70 24.94 -8.50
N GLN B 91 -15.67 24.34 -7.83
CA GLN B 91 -16.79 25.13 -7.38
C GLN B 91 -16.64 25.48 -5.93
N TYR B 92 -16.72 26.79 -5.61
CA TYR B 92 -16.73 27.22 -4.23
C TYR B 92 -18.18 27.49 -3.88
N GLN B 93 -18.61 26.98 -2.72
CA GLN B 93 -20.00 27.09 -2.32
C GLN B 93 -20.20 27.58 -0.91
N HIS B 94 -21.00 28.62 -0.82
CA HIS B 94 -21.43 29.21 0.44
C HIS B 94 -22.75 29.90 0.13
N PRO B 95 -23.70 29.90 1.06
CA PRO B 95 -25.00 30.53 0.78
C PRO B 95 -24.92 31.98 0.27
N GLN B 96 -23.97 32.75 0.80
CA GLN B 96 -23.85 34.17 0.44
C GLN B 96 -22.80 34.47 -0.58
N LEU B 97 -22.13 33.43 -1.10
CA LEU B 97 -21.07 33.58 -2.09
C LEU B 97 -20.70 32.25 -2.74
N SER B 98 -20.72 32.21 -4.06
CA SER B 98 -20.33 31.01 -4.76
C SER B 98 -19.77 31.39 -6.12
N TRP B 99 -18.74 30.63 -6.56
CA TRP B 99 -18.10 30.88 -7.84
C TRP B 99 -17.47 29.62 -8.41
N ARG B 100 -17.01 29.73 -9.64
CA ARG B 100 -16.37 28.62 -10.35
C ARG B 100 -15.07 29.11 -10.92
N ALA B 101 -14.01 28.33 -10.71
CA ALA B 101 -12.68 28.67 -11.22
C ALA B 101 -12.16 27.52 -12.05
N ASN B 102 -11.54 27.85 -13.18
CA ASN B 102 -11.01 26.82 -14.07
C ASN B 102 -9.70 26.32 -13.50
N VAL B 103 -9.65 25.02 -13.23
CA VAL B 103 -8.46 24.40 -12.68
C VAL B 103 -8.13 23.11 -13.41
N THR B 104 -6.89 22.67 -13.25
CA THR B 104 -6.42 21.38 -13.70
C THR B 104 -5.66 20.82 -12.51
N LEU B 105 -6.15 19.68 -12.01
CA LEU B 105 -5.62 18.99 -10.84
C LEU B 105 -4.87 17.80 -11.27
N ASN B 106 -3.74 17.51 -10.64
CA ASN B 106 -3.06 16.26 -10.95
C ASN B 106 -3.57 15.22 -9.98
N LEU B 107 -3.71 14.02 -10.48
CA LEU B 107 -4.22 12.90 -9.67
C LEU B 107 -3.22 11.79 -9.67
N MET B 108 -3.07 11.13 -8.54
CA MET B 108 -2.27 9.94 -8.49
C MET B 108 -2.81 8.89 -7.56
N LYS B 109 -3.01 7.69 -8.13
CA LYS B 109 -3.45 6.55 -7.38
C LYS B 109 -2.19 5.86 -6.87
N VAL B 110 -2.02 5.84 -5.55
CA VAL B 110 -0.90 5.18 -4.92
C VAL B 110 -1.50 4.12 -4.02
N ASP B 111 -1.31 2.85 -4.37
CA ASP B 111 -1.90 1.75 -3.60
C ASP B 111 -3.39 1.98 -3.44
N ASP B 112 -3.88 1.98 -2.19
CA ASP B 112 -5.29 2.18 -1.92
C ASP B 112 -5.62 3.61 -1.54
N TRP B 113 -4.85 4.57 -2.10
CA TRP B 113 -5.05 5.99 -1.87
C TRP B 113 -5.19 6.77 -3.17
N LEU B 114 -6.00 7.82 -3.15
CA LEU B 114 -6.07 8.74 -4.27
C LEU B 114 -5.50 10.08 -3.80
N VAL B 115 -4.48 10.60 -4.50
CA VAL B 115 -3.91 11.90 -4.14
C VAL B 115 -4.35 12.94 -5.13
N LEU B 116 -4.78 14.11 -4.63
CA LEU B 116 -5.13 15.24 -5.48
C LEU B 116 -4.04 16.31 -5.29
N SER B 117 -3.43 16.79 -6.38
CA SER B 117 -2.42 17.82 -6.31
C SER B 117 -2.85 19.11 -6.96
N PHE B 118 -3.01 20.16 -6.13
CA PHE B 118 -3.35 21.49 -6.62
C PHE B 118 -2.11 22.32 -6.84
N SER B 119 -2.05 22.95 -8.01
CA SER B 119 -0.99 23.87 -8.31
C SER B 119 -1.44 25.20 -7.73
N GLN B 120 -0.56 26.19 -7.74
CA GLN B 120 -0.95 27.49 -7.20
C GLN B 120 -2.17 28.02 -7.90
N MET B 121 -2.95 28.87 -7.28
CA MET B 121 -4.10 29.45 -7.95
C MET B 121 -4.53 30.77 -7.35
N THR B 122 -5.17 31.60 -8.15
CA THR B 122 -5.73 32.88 -7.73
C THR B 122 -7.23 32.81 -7.92
N THR B 123 -7.99 33.01 -6.86
CA THR B 123 -9.43 32.92 -6.93
C THR B 123 -10.07 34.15 -6.39
N ASN B 124 -11.38 34.24 -6.55
CA ASN B 124 -12.17 35.32 -5.96
C ASN B 124 -12.13 35.12 -4.46
N SER B 125 -12.68 36.09 -3.74
CA SER B 125 -12.72 36.03 -2.28
C SER B 125 -13.58 34.90 -1.77
N ILE B 126 -13.41 34.52 -0.52
CA ILE B 126 -14.14 33.42 0.12
C ILE B 126 -14.68 33.84 1.49
N MET B 127 -15.66 33.09 1.99
CA MET B 127 -16.22 33.35 3.31
C MET B 127 -15.35 32.68 4.35
N ALA B 128 -15.64 32.95 5.63
CA ALA B 128 -14.92 32.37 6.77
C ALA B 128 -14.89 30.82 6.76
N ASP B 129 -15.93 30.20 6.20
CA ASP B 129 -16.00 28.76 5.98
C ASP B 129 -16.70 28.52 4.64
N GLY B 130 -16.68 27.28 4.17
CA GLY B 130 -17.30 26.96 2.90
C GLY B 130 -16.91 25.62 2.31
N LYS B 131 -17.37 25.34 1.10
CA LYS B 131 -17.17 24.05 0.45
C LYS B 131 -16.51 24.22 -0.89
N PHE B 132 -15.70 23.25 -1.25
CA PHE B 132 -15.15 23.14 -2.58
C PHE B 132 -15.70 21.87 -3.14
N VAL B 133 -16.20 21.93 -4.38
CA VAL B 133 -16.77 20.77 -5.03
C VAL B 133 -16.06 20.51 -6.33
N ILE B 134 -15.71 19.23 -6.53
CA ILE B 134 -15.07 18.81 -7.75
C ILE B 134 -15.99 17.81 -8.42
N ASN B 135 -16.46 18.13 -9.65
CA ASN B 135 -17.34 17.21 -10.38
C ASN B 135 -16.58 16.32 -11.33
N PHE B 136 -16.37 15.07 -10.91
CA PHE B 136 -15.62 14.10 -11.69
C PHE B 136 -16.44 13.42 -12.75
N VAL B 137 -17.75 13.74 -12.84
CA VAL B 137 -18.65 13.15 -13.86
C VAL B 137 -18.05 13.27 -15.25
N SER B 138 -17.35 14.38 -15.50
CA SER B 138 -16.60 14.64 -16.72
C SER B 138 -15.30 15.40 -16.34
N GLY B 139 -14.34 15.38 -17.25
CA GLY B 139 -13.09 16.09 -17.05
C GLY B 139 -11.87 15.22 -16.80
N LEU B 140 -12.08 13.95 -16.51
CA LEU B 140 -10.95 13.07 -16.25
C LEU B 140 -10.18 12.74 -17.50
N SER B 141 -8.86 12.60 -17.38
CA SER B 141 -7.99 12.24 -18.49
C SER B 141 -8.25 10.79 -18.89
N SER B 142 -7.68 10.36 -20.03
CA SER B 142 -7.86 9.02 -20.55
C SER B 142 -7.35 7.93 -19.62
N GLY B 143 -8.15 6.91 -19.47
CA GLY B 143 -7.85 5.78 -18.62
C GLY B 143 -8.66 5.85 -17.35
N TRP B 144 -9.14 7.05 -17.01
CA TRP B 144 -9.86 7.28 -15.78
C TRP B 144 -11.35 7.33 -15.93
N GLN B 145 -12.07 6.65 -15.03
CA GLN B 145 -13.52 6.71 -14.98
C GLN B 145 -13.92 7.46 -13.72
N THR B 146 -15.12 8.04 -13.71
CA THR B 146 -15.64 8.75 -12.55
C THR B 146 -15.62 7.88 -11.30
N GLY B 147 -15.97 6.62 -11.45
CA GLY B 147 -16.00 5.69 -10.34
C GLY B 147 -14.66 5.50 -9.68
N ASP B 148 -13.57 5.76 -10.44
CA ASP B 148 -12.21 5.64 -9.93
C ASP B 148 -11.87 6.62 -8.80
N THR B 149 -12.71 7.63 -8.56
CA THR B 149 -12.46 8.63 -7.54
C THR B 149 -13.30 8.43 -6.30
N GLU B 150 -14.06 7.35 -6.23
CA GLU B 150 -14.92 7.11 -5.10
C GLU B 150 -14.13 6.62 -3.87
N PRO B 151 -14.29 7.32 -2.74
CA PRO B 151 -13.63 6.91 -1.50
C PRO B 151 -14.08 5.53 -1.03
N SER B 152 -13.25 4.87 -0.22
CA SER B 152 -13.55 3.54 0.25
C SER B 152 -14.18 3.54 1.64
N SER B 153 -14.59 4.72 2.10
CA SER B 153 -15.27 4.86 3.39
C SER B 153 -16.15 6.09 3.40
N THR B 154 -17.15 6.11 4.30
CA THR B 154 -18.06 7.25 4.42
C THR B 154 -17.72 8.13 5.60
N ILE B 155 -16.67 7.74 6.37
CA ILE B 155 -16.21 8.49 7.53
C ILE B 155 -15.96 9.95 7.14
N ASP B 156 -16.38 10.86 8.02
CA ASP B 156 -16.19 12.28 7.79
C ASP B 156 -15.48 12.93 8.99
N PRO B 157 -14.28 13.50 8.78
CA PRO B 157 -13.54 13.58 7.50
C PRO B 157 -12.69 12.37 7.22
N LEU B 158 -12.45 12.11 5.93
CA LEU B 158 -11.57 11.03 5.50
C LEU B 158 -10.12 11.43 5.70
N SER B 159 -9.84 12.71 5.46
CA SER B 159 -8.52 13.28 5.67
C SER B 159 -8.60 14.80 5.67
N THR B 160 -7.72 15.42 6.44
CA THR B 160 -7.64 16.85 6.49
C THR B 160 -6.23 17.29 6.15
N THR B 161 -6.09 18.51 5.59
CA THR B 161 -4.81 19.12 5.29
C THR B 161 -4.95 20.61 5.39
N PHE B 162 -3.82 21.30 5.37
CA PHE B 162 -3.84 22.75 5.41
C PHE B 162 -3.39 23.30 4.10
N ALA B 163 -4.00 24.43 3.70
CA ALA B 163 -3.63 25.16 2.51
C ALA B 163 -3.12 26.51 2.96
N ALA B 164 -2.00 26.94 2.40
CA ALA B 164 -1.44 28.26 2.76
C ALA B 164 -1.99 29.28 1.80
N VAL B 165 -2.53 30.38 2.31
CA VAL B 165 -3.10 31.39 1.43
C VAL B 165 -2.59 32.78 1.74
N GLN B 166 -2.87 33.68 0.81
CA GLN B 166 -2.63 35.10 0.98
C GLN B 166 -3.92 35.79 0.64
N PHE B 167 -4.46 36.53 1.60
CA PHE B 167 -5.66 37.32 1.40
C PHE B 167 -5.27 38.67 0.88
N LEU B 168 -5.84 39.08 -0.26
CA LEU B 168 -5.53 40.37 -0.85
C LEU B 168 -6.59 41.33 -0.42
N ASN B 169 -6.21 42.39 0.27
CA ASN B 169 -7.18 43.38 0.68
C ASN B 169 -6.64 44.78 0.56
N ASN B 170 -7.02 45.45 -0.56
CA ASN B 170 -6.57 46.80 -0.84
C ASN B 170 -5.02 46.89 -0.93
N GLY B 171 -4.47 46.08 -1.83
CA GLY B 171 -3.03 46.11 -2.09
C GLY B 171 -2.12 45.31 -1.16
N GLN B 172 -2.50 45.15 0.10
CA GLN B 172 -1.69 44.35 1.03
C GLN B 172 -1.95 42.82 0.94
N ARG B 173 -0.91 42.00 0.98
CA ARG B 173 -1.08 40.54 0.96
C ARG B 173 -0.95 40.01 2.37
N ILE B 174 -2.01 39.38 2.90
CA ILE B 174 -2.04 38.86 4.28
C ILE B 174 -1.98 37.35 4.35
N ASP B 175 -0.90 36.81 4.91
CA ASP B 175 -0.70 35.36 5.03
C ASP B 175 -1.66 34.73 6.03
N ALA B 176 -2.25 33.60 5.65
CA ALA B 176 -3.17 32.84 6.51
C ALA B 176 -3.21 31.37 6.11
N PHE B 177 -3.99 30.59 6.82
CA PHE B 177 -4.15 29.19 6.44
C PHE B 177 -5.62 28.84 6.34
N ARG B 178 -5.90 27.76 5.61
CA ARG B 178 -7.23 27.23 5.46
C ARG B 178 -7.14 25.74 5.72
N ILE B 179 -8.00 25.23 6.59
CA ILE B 179 -8.02 23.80 6.85
C ILE B 179 -9.01 23.17 5.87
N MET B 180 -8.59 22.09 5.20
CA MET B 180 -9.42 21.44 4.21
C MET B 180 -9.64 19.98 4.59
N GLY B 181 -10.88 19.52 4.52
CA GLY B 181 -11.20 18.14 4.80
C GLY B 181 -12.01 17.48 3.71
N VAL B 182 -11.64 16.24 3.34
CA VAL B 182 -12.41 15.46 2.36
C VAL B 182 -13.59 14.95 3.16
N SER B 183 -14.79 15.35 2.77
CA SER B 183 -15.97 15.06 3.57
C SER B 183 -17.04 14.19 2.94
N GLU B 184 -17.15 14.24 1.60
CA GLU B 184 -18.24 13.54 0.95
C GLU B 184 -18.00 13.28 -0.52
N TRP B 185 -18.59 12.19 -1.02
CA TRP B 185 -18.56 11.85 -2.43
C TRP B 185 -19.94 11.41 -2.81
N THR B 186 -20.55 12.08 -3.77
CA THR B 186 -21.91 11.79 -4.17
C THR B 186 -22.04 11.82 -5.67
N ASP B 187 -22.26 10.63 -6.24
CA ASP B 187 -22.46 10.46 -7.68
C ASP B 187 -21.42 11.19 -8.54
N GLY B 188 -20.16 11.08 -8.11
CA GLY B 188 -19.05 11.68 -8.83
C GLY B 188 -18.65 13.08 -8.39
N GLU B 189 -19.36 13.65 -7.41
CA GLU B 189 -19.04 14.96 -6.90
C GLU B 189 -18.31 14.84 -5.58
N LEU B 190 -17.03 15.22 -5.56
CA LEU B 190 -16.23 15.19 -4.33
C LEU B 190 -16.38 16.51 -3.60
N GLU B 191 -16.63 16.44 -2.32
CA GLU B 191 -16.81 17.66 -1.53
C GLU B 191 -15.67 17.83 -0.53
N ILE B 192 -14.98 18.97 -0.63
CA ILE B 192 -13.89 19.31 0.28
C ILE B 192 -14.30 20.50 1.12
N LYS B 193 -14.53 20.29 2.41
CA LYS B 193 -14.98 21.34 3.29
C LYS B 193 -13.82 22.19 3.77
N ASN B 194 -14.00 23.50 3.77
CA ASN B 194 -13.06 24.44 4.37
C ASN B 194 -13.68 24.88 5.72
N TYR B 195 -13.34 24.16 6.78
CA TYR B 195 -13.89 24.40 8.12
C TYR B 195 -13.61 25.80 8.64
N GLY B 196 -12.50 26.37 8.20
CA GLY B 196 -12.08 27.69 8.64
C GLY B 196 -10.57 27.86 8.59
N GLY B 197 -10.05 28.49 9.62
CA GLY B 197 -8.64 28.84 9.72
C GLY B 197 -8.57 30.32 9.99
N THR B 198 -7.39 30.93 9.85
CA THR B 198 -7.24 32.37 10.07
C THR B 198 -7.92 33.15 8.94
N TYR B 199 -8.40 34.37 9.23
CA TYR B 199 -9.17 35.09 8.22
C TYR B 199 -9.13 36.61 8.37
N THR B 200 -9.35 37.31 7.28
CA THR B 200 -9.46 38.77 7.23
C THR B 200 -10.27 39.14 6.02
N GLY B 201 -10.87 40.31 6.04
CA GLY B 201 -11.66 40.78 4.91
C GLY B 201 -10.76 40.92 3.72
N HIS B 202 -11.19 40.46 2.54
CA HIS B 202 -10.35 40.46 1.35
C HIS B 202 -11.15 40.51 0.06
N THR B 203 -10.49 40.78 -1.08
CA THR B 203 -11.01 40.94 -2.46
C THR B 203 -10.69 39.70 -3.26
N GLN B 204 -9.56 39.06 -2.97
CA GLN B 204 -9.06 37.89 -3.69
C GLN B 204 -8.12 37.03 -2.90
N VAL B 205 -7.99 35.78 -3.31
CA VAL B 205 -7.17 34.79 -2.59
C VAL B 205 -6.08 34.19 -3.45
N TYR B 206 -4.85 34.24 -2.95
CA TYR B 206 -3.80 33.53 -3.61
C TYR B 206 -3.58 32.24 -2.81
N TRP B 207 -3.67 31.12 -3.48
CA TRP B 207 -3.50 29.82 -2.85
C TRP B 207 -2.19 29.24 -3.26
N ALA B 208 -1.35 28.89 -2.29
CA ALA B 208 -0.11 28.21 -2.60
C ALA B 208 -0.47 26.78 -3.00
N PRO B 209 0.43 26.02 -3.65
CA PRO B 209 0.09 24.63 -3.98
C PRO B 209 -0.20 23.81 -2.71
N TRP B 210 -0.97 22.75 -2.89
CA TRP B 210 -1.30 21.85 -1.78
C TRP B 210 -1.79 20.52 -2.29
N THR B 211 -1.63 19.49 -1.48
CA THR B 211 -2.12 18.17 -1.82
C THR B 211 -3.05 17.69 -0.75
N ILE B 212 -3.98 16.83 -1.14
CA ILE B 212 -4.89 16.17 -0.22
C ILE B 212 -5.12 14.75 -0.73
N MET B 213 -5.18 13.78 0.18
CA MET B 213 -5.41 12.40 -0.24
C MET B 213 -6.44 11.72 0.61
N TYR B 214 -7.09 10.69 0.07
CA TYR B 214 -8.08 9.96 0.82
C TYR B 214 -8.09 8.50 0.42
N PRO B 215 -8.62 7.60 1.27
CA PRO B 215 -8.63 6.18 0.91
C PRO B 215 -9.53 5.90 -0.26
N CYS B 216 -9.06 5.07 -1.19
CA CYS B 216 -9.75 4.79 -2.44
C CYS B 216 -9.26 3.45 -2.96
N ASN B 217 -10.13 2.42 -2.98
CA ASN B 217 -9.71 1.08 -3.41
C ASN B 217 -10.27 0.61 -4.76
N VAL B 218 -10.45 1.54 -5.68
CA VAL B 218 -10.92 1.21 -7.01
C VAL B 218 -9.71 1.09 -7.97
N ILE C 15 0.54 -62.80 -26.78
CA ILE C 15 0.73 -61.54 -27.48
C ILE C 15 1.79 -61.80 -28.54
N ASP C 16 1.42 -61.58 -29.82
CA ASP C 16 2.30 -61.79 -30.98
C ASP C 16 3.43 -60.75 -31.00
N SER C 17 3.07 -59.44 -31.09
CA SER C 17 3.98 -58.29 -31.05
C SER C 17 3.48 -57.11 -30.12
N VAL C 18 4.31 -56.05 -29.97
CA VAL C 18 3.97 -54.91 -29.11
C VAL C 18 4.26 -53.57 -29.70
N LEU C 19 3.52 -52.56 -29.24
CA LEU C 19 3.75 -51.19 -29.65
C LEU C 19 4.28 -50.31 -28.53
N PRO C 20 5.16 -49.33 -28.87
CA PRO C 20 5.60 -48.32 -27.88
C PRO C 20 4.42 -47.68 -27.10
N PRO C 21 4.60 -47.29 -25.82
CA PRO C 21 5.78 -47.35 -24.97
C PRO C 21 6.34 -48.74 -24.75
N LEU C 22 5.51 -49.79 -24.90
CA LEU C 22 5.92 -51.18 -24.72
C LEU C 22 6.94 -51.64 -25.76
N THR C 23 7.97 -52.38 -25.30
CA THR C 23 9.11 -52.84 -26.10
C THR C 23 9.55 -54.22 -25.74
N VAL C 24 9.98 -55.01 -26.75
CA VAL C 24 10.51 -56.35 -26.49
C VAL C 24 11.94 -56.44 -26.98
N ARG C 25 12.89 -56.79 -26.10
CA ARG C 25 14.31 -56.94 -26.46
C ARG C 25 14.65 -58.43 -26.31
N GLU C 26 15.11 -59.09 -27.42
CA GLU C 26 15.38 -60.56 -27.47
C GLU C 26 16.85 -60.98 -27.42
N ALA C 27 17.65 -60.23 -26.63
CA ALA C 27 19.07 -60.46 -26.36
C ALA C 27 19.34 -61.79 -25.58
N SER C 28 20.30 -62.59 -26.13
CA SER C 28 20.76 -63.92 -25.68
C SER C 28 19.62 -64.96 -25.71
N GLY C 29 18.92 -64.99 -26.86
CA GLY C 29 17.80 -65.89 -27.14
C GLY C 29 16.63 -65.84 -26.18
N VAL C 30 16.55 -64.73 -25.38
CA VAL C 30 15.52 -64.48 -24.38
C VAL C 30 14.82 -63.12 -24.54
N ARG C 31 13.60 -63.19 -25.13
CA ARG C 31 12.72 -62.07 -25.42
C ARG C 31 12.06 -61.51 -24.12
N THR C 32 12.41 -60.24 -23.81
CA THR C 32 11.95 -59.60 -22.59
C THR C 32 11.21 -58.26 -22.79
N LEU C 33 9.95 -58.25 -22.33
CA LEU C 33 9.02 -57.13 -22.40
C LEU C 33 9.32 -56.13 -21.30
N SER C 34 9.31 -54.84 -21.66
CA SER C 34 9.61 -53.72 -20.75
C SER C 34 8.82 -52.47 -21.11
N PHE C 35 8.39 -51.76 -20.06
CA PHE C 35 7.63 -50.51 -20.25
C PHE C 35 8.59 -49.31 -20.30
N GLY C 36 8.42 -48.46 -21.30
CA GLY C 36 9.27 -47.29 -21.50
C GLY C 36 8.67 -45.95 -21.11
N TYR C 37 9.29 -45.24 -20.17
CA TYR C 37 8.78 -43.95 -19.73
C TYR C 37 9.82 -42.84 -19.78
N ASP C 38 9.34 -41.59 -19.78
CA ASP C 38 10.14 -40.39 -19.69
C ASP C 38 10.60 -40.31 -18.24
N THR C 39 11.89 -40.52 -18.04
CA THR C 39 12.62 -40.55 -16.76
C THR C 39 12.54 -39.28 -15.92
N SER C 40 12.38 -38.09 -16.61
CA SER C 40 12.23 -36.79 -15.97
C SER C 40 10.83 -36.74 -15.38
N ASP C 41 9.83 -37.26 -16.13
CA ASP C 41 8.40 -37.28 -15.76
C ASP C 41 8.03 -38.36 -14.73
N PHE C 42 8.57 -39.60 -14.90
CA PHE C 42 8.29 -40.78 -14.05
C PHE C 42 9.50 -41.52 -13.55
N THR C 43 9.25 -42.47 -12.64
CA THR C 43 10.23 -43.42 -12.13
C THR C 43 9.54 -44.63 -11.55
N ILE C 44 10.32 -45.66 -11.25
CA ILE C 44 9.73 -46.84 -10.63
C ILE C 44 10.02 -46.81 -9.14
N ILE C 45 8.98 -46.92 -8.28
CA ILE C 45 9.14 -46.90 -6.83
C ILE C 45 8.31 -48.00 -6.29
N ASN C 46 8.95 -48.95 -5.59
CA ASN C 46 8.32 -50.18 -5.08
C ASN C 46 7.73 -50.94 -6.27
N SER C 47 8.55 -51.00 -7.35
CA SER C 47 8.27 -51.67 -8.61
C SER C 47 6.98 -51.17 -9.34
N VAL C 48 6.54 -49.95 -9.02
CA VAL C 48 5.38 -49.35 -9.68
C VAL C 48 5.67 -47.99 -10.30
N LEU C 49 5.00 -47.70 -11.42
CA LEU C 49 5.19 -46.43 -12.12
C LEU C 49 4.68 -45.32 -11.20
N SER C 50 5.56 -44.38 -10.84
CA SER C 50 5.27 -43.26 -9.96
C SER C 50 5.66 -41.99 -10.64
N LEU C 51 5.02 -40.92 -10.26
CA LEU C 51 5.37 -39.63 -10.79
C LEU C 51 6.57 -39.18 -9.99
N ARG C 52 7.51 -38.49 -10.67
CA ARG C 52 8.68 -37.88 -10.03
C ARG C 52 8.24 -36.49 -9.68
N SER C 53 8.43 -36.07 -8.44
CA SER C 53 8.04 -34.73 -7.97
C SER C 53 6.54 -34.34 -8.18
N ARG C 54 5.65 -34.85 -7.30
CA ARG C 54 4.23 -34.49 -7.30
C ARG C 54 4.20 -33.05 -6.71
N LEU C 55 3.49 -32.14 -7.39
CA LEU C 55 3.47 -30.75 -6.97
C LEU C 55 2.47 -30.37 -5.93
N THR C 56 2.98 -29.93 -4.79
CA THR C 56 2.17 -29.43 -3.69
C THR C 56 1.95 -27.93 -3.90
N LEU C 57 0.69 -27.51 -3.96
CA LEU C 57 0.33 -26.13 -4.17
C LEU C 57 0.54 -25.33 -2.87
N PRO C 58 1.19 -24.13 -2.94
CA PRO C 58 1.45 -23.35 -1.71
C PRO C 58 0.21 -22.75 -1.08
N THR C 59 0.31 -22.40 0.21
CA THR C 59 -0.76 -21.70 0.91
C THR C 59 -0.45 -20.19 0.84
N TYR C 60 -1.32 -19.37 1.43
CA TYR C 60 -1.16 -17.92 1.34
C TYR C 60 -1.36 -17.24 2.66
N ARG C 61 -0.44 -16.34 3.01
CA ARG C 61 -0.52 -15.56 4.24
C ARG C 61 -1.21 -14.23 3.96
N TYR C 62 -2.07 -13.80 4.89
CA TYR C 62 -2.77 -12.51 4.82
C TYR C 62 -1.76 -11.38 4.55
N PRO C 63 -2.09 -10.39 3.70
CA PRO C 63 -3.35 -10.13 3.01
C PRO C 63 -3.60 -10.93 1.74
N LEU C 64 -2.74 -11.89 1.41
CA LEU C 64 -2.97 -12.76 0.26
C LEU C 64 -3.94 -13.86 0.70
N GLU C 65 -4.90 -14.19 -0.15
CA GLU C 65 -5.85 -15.25 0.17
C GLU C 65 -6.27 -16.02 -1.07
N LEU C 66 -6.64 -17.31 -0.88
CA LEU C 66 -7.12 -18.12 -1.98
C LEU C 66 -8.62 -18.16 -1.97
N ASP C 67 -9.24 -17.64 -3.04
CA ASP C 67 -10.68 -17.73 -3.23
C ASP C 67 -10.90 -19.12 -3.80
N THR C 68 -11.24 -20.08 -2.94
CA THR C 68 -11.42 -21.49 -3.32
C THR C 68 -12.56 -21.71 -4.29
N ALA C 69 -13.60 -20.88 -4.20
CA ALA C 69 -14.77 -20.95 -5.05
C ALA C 69 -14.44 -20.73 -6.52
N ASN C 70 -13.49 -19.82 -6.83
CA ASN C 70 -13.11 -19.51 -8.21
C ASN C 70 -11.66 -19.85 -8.50
N ASN C 71 -10.99 -20.55 -7.54
CA ASN C 71 -9.57 -20.92 -7.61
C ASN C 71 -8.75 -19.71 -8.08
N ARG C 72 -8.83 -18.62 -7.29
CA ARG C 72 -8.15 -17.36 -7.61
C ARG C 72 -7.46 -16.81 -6.39
N VAL C 73 -6.23 -16.38 -6.57
CA VAL C 73 -5.44 -15.76 -5.51
C VAL C 73 -5.70 -14.25 -5.59
N GLN C 74 -5.92 -13.61 -4.45
CA GLN C 74 -6.22 -12.19 -4.43
C GLN C 74 -5.72 -11.52 -3.16
N VAL C 75 -5.77 -10.18 -3.15
CA VAL C 75 -5.48 -9.41 -1.94
C VAL C 75 -6.83 -9.26 -1.25
N ALA C 76 -6.87 -9.56 0.06
CA ALA C 76 -8.10 -9.44 0.87
C ALA C 76 -8.66 -8.04 0.80
N ASP C 77 -9.98 -7.94 0.71
CA ASP C 77 -10.65 -6.64 0.61
C ASP C 77 -10.40 -5.73 1.81
N ARG C 78 -10.38 -6.33 3.01
CA ARG C 78 -10.17 -5.59 4.25
C ARG C 78 -8.83 -4.89 4.33
N PHE C 79 -7.86 -5.38 3.56
CA PHE C 79 -6.54 -4.79 3.53
C PHE C 79 -6.57 -3.33 3.06
N GLY C 80 -7.40 -3.03 2.06
CA GLY C 80 -7.58 -1.68 1.56
C GLY C 80 -8.41 -0.79 2.46
N MET C 81 -9.28 -1.41 3.26
CA MET C 81 -10.15 -0.64 4.14
C MET C 81 -10.80 -1.48 5.22
N ARG C 82 -10.53 -1.10 6.46
CA ARG C 82 -11.15 -1.73 7.60
C ARG C 82 -11.52 -0.61 8.56
N THR C 83 -12.81 -0.45 8.85
CA THR C 83 -13.25 0.64 9.72
C THR C 83 -13.50 0.21 11.15
N GLY C 84 -13.58 1.17 12.03
CA GLY C 84 -13.83 0.93 13.44
C GLY C 84 -14.01 2.21 14.21
N THR C 85 -14.23 2.10 15.52
CA THR C 85 -14.40 3.27 16.37
C THR C 85 -13.74 3.02 17.69
N TRP C 86 -13.27 4.09 18.31
CA TRP C 86 -12.76 4.02 19.66
C TRP C 86 -13.56 5.01 20.47
N THR C 87 -14.12 4.53 21.57
CA THR C 87 -14.86 5.39 22.48
C THR C 87 -14.14 5.37 23.81
N GLY C 88 -13.78 6.55 24.26
CA GLY C 88 -13.07 6.68 25.51
C GLY C 88 -12.85 8.13 25.87
N GLN C 89 -11.87 8.34 26.74
CA GLN C 89 -11.53 9.66 27.20
C GLN C 89 -10.17 10.08 26.68
N LEU C 90 -10.19 11.19 25.95
CA LEU C 90 -8.99 11.79 25.42
C LEU C 90 -8.34 12.48 26.60
N GLN C 91 -7.12 12.09 26.91
CA GLN C 91 -6.43 12.66 28.04
C GLN C 91 -5.46 13.73 27.61
N TYR C 92 -5.60 14.94 28.17
CA TYR C 92 -4.64 16.00 27.92
C TYR C 92 -3.72 16.01 29.11
N GLN C 93 -2.41 16.10 28.86
CA GLN C 93 -1.43 16.04 29.93
C GLN C 93 -0.37 17.11 29.85
N HIS C 94 -0.21 17.82 30.94
CA HIS C 94 0.79 18.83 31.12
C HIS C 94 1.02 18.90 32.62
N PRO C 95 2.28 19.14 33.07
CA PRO C 95 2.55 19.20 34.50
C PRO C 95 1.62 20.13 35.31
N GLN C 96 1.25 21.28 34.72
CA GLN C 96 0.43 22.28 35.38
C GLN C 96 -1.03 22.25 35.03
N LEU C 97 -1.45 21.30 34.19
CA LEU C 97 -2.84 21.19 33.75
C LEU C 97 -3.10 19.87 33.05
N SER C 98 -4.15 19.17 33.46
CA SER C 98 -4.50 17.91 32.82
C SER C 98 -5.98 17.66 32.95
N TRP C 99 -6.60 17.07 31.92
CA TRP C 99 -8.03 16.78 31.92
C TRP C 99 -8.41 15.62 31.02
N ARG C 100 -9.68 15.21 31.10
CA ARG C 100 -10.21 14.12 30.30
C ARG C 100 -11.48 14.58 29.62
N ALA C 101 -11.60 14.29 28.32
CA ALA C 101 -12.80 14.64 27.55
C ALA C 101 -13.34 13.42 26.85
N ASN C 102 -14.65 13.26 26.85
CA ASN C 102 -15.30 12.12 26.21
C ASN C 102 -15.34 12.33 24.71
N VAL C 103 -14.71 11.41 23.97
CA VAL C 103 -14.65 11.49 22.52
C VAL C 103 -14.95 10.15 21.91
N THR C 104 -15.29 10.20 20.64
CA THR C 104 -15.45 9.02 19.80
C THR C 104 -14.71 9.33 18.51
N LEU C 105 -13.65 8.58 18.25
CA LEU C 105 -12.94 8.83 17.02
C LEU C 105 -13.08 7.67 16.07
N ASN C 106 -13.13 7.97 14.79
CA ASN C 106 -13.25 6.94 13.79
C ASN C 106 -11.88 6.46 13.43
N LEU C 107 -11.78 5.16 13.16
CA LEU C 107 -10.53 4.53 12.79
C LEU C 107 -10.66 3.87 11.45
N MET C 108 -9.60 3.93 10.65
CA MET C 108 -9.54 3.17 9.42
C MET C 108 -8.17 2.65 9.08
N LYS C 109 -8.10 1.34 8.86
CA LYS C 109 -6.90 0.67 8.44
C LYS C 109 -6.90 0.69 6.93
N VAL C 110 -5.92 1.39 6.36
CA VAL C 110 -5.75 1.43 4.92
C VAL C 110 -4.37 0.89 4.65
N ASP C 111 -4.30 -0.30 4.02
CA ASP C 111 -3.01 -0.97 3.77
C ASP C 111 -2.22 -1.07 5.06
N ASP C 112 -0.98 -0.56 5.06
CA ASP C 112 -0.14 -0.59 6.25
C ASP C 112 -0.17 0.70 7.05
N TRP C 113 -1.34 1.38 7.05
CA TRP C 113 -1.55 2.63 7.78
C TRP C 113 -2.77 2.56 8.66
N LEU C 114 -2.70 3.25 9.80
CA LEU C 114 -3.87 3.42 10.64
C LEU C 114 -4.25 4.90 10.63
N VAL C 115 -5.48 5.22 10.26
CA VAL C 115 -5.94 6.61 10.25
C VAL C 115 -6.87 6.86 11.41
N LEU C 116 -6.66 7.97 12.13
CA LEU C 116 -7.55 8.40 13.21
C LEU C 116 -8.32 9.63 12.74
N SER C 117 -9.64 9.61 12.82
CA SER C 117 -10.45 10.75 12.40
C SER C 117 -11.22 11.40 13.55
N PHE C 118 -10.85 12.64 13.90
CA PHE C 118 -11.52 13.41 14.94
C PHE C 118 -12.57 14.28 14.34
N SER C 119 -13.75 14.23 14.92
CA SER C 119 -14.86 15.11 14.55
C SER C 119 -14.60 16.41 15.33
N GLN C 120 -15.46 17.42 15.11
CA GLN C 120 -15.22 18.67 15.86
C GLN C 120 -15.36 18.43 17.33
N MET C 121 -14.71 19.22 18.16
CA MET C 121 -14.86 19.06 19.60
C MET C 121 -14.62 20.33 20.38
N THR C 122 -15.24 20.45 21.56
CA THR C 122 -15.01 21.57 22.47
C THR C 122 -14.39 21.01 23.73
N THR C 123 -13.19 21.49 24.09
CA THR C 123 -12.50 20.98 25.29
C THR C 123 -12.16 22.11 26.22
N ASN C 124 -11.65 21.75 27.42
CA ASN C 124 -11.11 22.71 28.40
C ASN C 124 -9.87 23.39 27.79
N SER C 125 -9.39 24.46 28.45
CA SER C 125 -8.21 25.18 28.01
C SER C 125 -6.95 24.32 28.03
N ILE C 126 -5.92 24.72 27.28
CA ILE C 126 -4.66 23.96 27.19
C ILE C 126 -3.48 24.88 27.35
N MET C 127 -2.33 24.29 27.66
CA MET C 127 -1.09 25.07 27.79
C MET C 127 -0.50 25.28 26.40
N ALA C 128 0.55 26.11 26.31
CA ALA C 128 1.26 26.39 25.07
C ALA C 128 1.77 25.12 24.37
N ASP C 129 2.09 24.06 25.13
CA ASP C 129 2.45 22.75 24.59
C ASP C 129 1.85 21.68 25.51
N GLY C 130 1.92 20.41 25.10
CA GLY C 130 1.38 19.32 25.91
C GLY C 130 1.22 18.01 25.20
N LYS C 131 0.57 17.04 25.84
CA LYS C 131 0.38 15.69 25.29
C LYS C 131 -1.08 15.31 25.25
N PHE C 132 -1.45 14.54 24.27
CA PHE C 132 -2.76 13.91 24.20
C PHE C 132 -2.52 12.43 24.24
N VAL C 133 -3.28 11.73 25.08
CA VAL C 133 -3.13 10.30 25.23
C VAL C 133 -4.43 9.60 24.96
N ILE C 134 -4.36 8.56 24.15
CA ILE C 134 -5.50 7.74 23.82
C ILE C 134 -5.24 6.34 24.34
N ASN C 135 -6.08 5.87 25.29
CA ASN C 135 -5.91 4.52 25.84
C ASN C 135 -6.76 3.49 25.12
N PHE C 136 -6.10 2.74 24.25
CA PHE C 136 -6.77 1.73 23.45
C PHE C 136 -6.98 0.42 24.19
N VAL C 137 -6.50 0.32 25.46
CA VAL C 137 -6.65 -0.90 26.27
C VAL C 137 -8.13 -1.34 26.31
N SER C 138 -9.04 -0.38 26.31
CA SER C 138 -10.47 -0.60 26.20
C SER C 138 -11.09 0.51 25.32
N GLY C 139 -12.29 0.28 24.84
CA GLY C 139 -13.01 1.26 24.04
C GLY C 139 -13.13 0.97 22.56
N LEU C 140 -12.36 0.00 22.07
CA LEU C 140 -12.42 -0.32 20.66
C LEU C 140 -13.67 -1.06 20.29
N SER C 141 -14.21 -0.76 19.10
CA SER C 141 -15.39 -1.42 18.57
C SER C 141 -15.08 -2.88 18.24
N SER C 142 -16.13 -3.65 17.95
CA SER C 142 -16.02 -5.07 17.65
C SER C 142 -15.13 -5.38 16.44
N GLY C 143 -14.27 -6.36 16.62
CA GLY C 143 -13.35 -6.80 15.59
C GLY C 143 -11.95 -6.29 15.88
N TRP C 144 -11.86 -5.23 16.69
CA TRP C 144 -10.58 -4.59 16.97
C TRP C 144 -9.97 -4.98 18.28
N GLN C 145 -8.67 -5.26 18.26
CA GLN C 145 -7.91 -5.54 19.48
C GLN C 145 -6.97 -4.37 19.73
N THR C 146 -6.55 -4.19 20.97
CA THR C 146 -5.61 -3.13 21.36
C THR C 146 -4.34 -3.22 20.53
N GLY C 147 -3.85 -4.43 20.31
CA GLY C 147 -2.64 -4.64 19.54
C GLY C 147 -2.71 -4.12 18.12
N ASP C 148 -3.95 -4.03 17.59
CA ASP C 148 -4.19 -3.55 16.23
C ASP C 148 -3.82 -2.08 16.03
N THR C 149 -3.56 -1.33 17.11
CA THR C 149 -3.21 0.08 17.00
C THR C 149 -1.72 0.33 17.20
N GLU C 150 -0.93 -0.71 17.31
CA GLU C 150 0.49 -0.54 17.53
C GLU C 150 1.22 -0.13 16.25
N PRO C 151 1.97 0.99 16.33
CA PRO C 151 2.78 1.44 15.19
C PRO C 151 3.84 0.41 14.78
N SER C 152 4.28 0.48 13.53
CA SER C 152 5.26 -0.45 13.01
C SER C 152 6.68 0.10 13.10
N SER C 153 6.85 1.22 13.80
CA SER C 153 8.18 1.80 14.03
C SER C 153 8.17 2.65 15.31
N THR C 154 9.36 2.86 15.91
CA THR C 154 9.47 3.65 17.13
C THR C 154 9.96 5.07 16.85
N ILE C 155 10.21 5.39 15.55
CA ILE C 155 10.67 6.70 15.11
C ILE C 155 9.73 7.78 15.64
N ASP C 156 10.34 8.87 16.11
CA ASP C 156 9.59 9.99 16.66
C ASP C 156 9.98 11.30 15.97
N PRO C 157 9.01 11.97 15.29
CA PRO C 157 7.60 11.57 15.15
C PRO C 157 7.34 10.63 13.99
N LEU C 158 6.27 9.83 14.11
CA LEU C 158 5.86 8.93 13.03
C LEU C 158 5.15 9.75 11.95
N SER C 159 4.39 10.74 12.39
CA SER C 159 3.71 11.65 11.49
C SER C 159 3.24 12.87 12.23
N THR C 160 3.19 14.00 11.53
CA THR C 160 2.70 15.23 12.12
C THR C 160 1.58 15.78 11.27
N THR C 161 0.66 16.50 11.90
CA THR C 161 -0.43 17.17 11.22
C THR C 161 -0.81 18.42 11.97
N PHE C 162 -1.62 19.25 11.35
CA PHE C 162 -2.08 20.45 12.01
C PHE C 162 -3.56 20.33 12.32
N ALA C 163 -3.95 20.92 13.44
CA ALA C 163 -5.34 21.00 13.83
C ALA C 163 -5.69 22.49 13.87
N ALA C 164 -6.86 22.83 13.32
CA ALA C 164 -7.30 24.23 13.34
C ALA C 164 -8.16 24.42 14.55
N VAL C 165 -7.84 25.43 15.35
CA VAL C 165 -8.58 25.66 16.58
C VAL C 165 -9.07 27.08 16.70
N GLN C 166 -10.00 27.24 17.62
CA GLN C 166 -10.50 28.52 18.01
C GLN C 166 -10.36 28.60 19.52
N PHE C 167 -9.59 29.57 20.01
CA PHE C 167 -9.43 29.79 21.43
C PHE C 167 -10.56 30.68 21.88
N LEU C 168 -11.28 30.26 22.93
CA LEU C 168 -12.43 30.97 23.46
C LEU C 168 -12.00 31.71 24.71
N ASN C 169 -12.09 33.03 24.65
CA ASN C 169 -11.66 33.84 25.76
C ASN C 169 -12.56 35.04 25.93
N ASN C 170 -13.49 34.95 26.90
CA ASN C 170 -14.47 35.98 27.20
C ASN C 170 -15.37 36.30 25.97
N GLY C 171 -16.02 35.24 25.46
CA GLY C 171 -16.95 35.35 24.34
C GLY C 171 -16.38 35.43 22.93
N GLN C 172 -15.15 35.92 22.78
CA GLN C 172 -14.53 36.03 21.45
C GLN C 172 -13.84 34.71 21.02
N ARG C 173 -13.98 34.38 19.73
CA ARG C 173 -13.35 33.20 19.15
C ARG C 173 -12.08 33.62 18.38
N ILE C 174 -10.91 33.13 18.83
CA ILE C 174 -9.62 33.46 18.21
C ILE C 174 -9.01 32.30 17.45
N ASP C 175 -8.92 32.42 16.11
CA ASP C 175 -8.37 31.38 15.24
C ASP C 175 -6.88 31.16 15.43
N ALA C 176 -6.47 29.88 15.52
CA ALA C 176 -5.07 29.49 15.65
C ALA C 176 -4.85 28.07 15.15
N PHE C 177 -3.61 27.59 15.22
CA PHE C 177 -3.35 26.21 14.84
C PHE C 177 -2.57 25.50 15.92
N ARG C 178 -2.64 24.17 15.90
CA ARG C 178 -1.91 23.32 16.81
C ARG C 178 -1.23 22.25 15.98
N ILE C 179 0.08 22.08 16.19
CA ILE C 179 0.78 21.03 15.47
C ILE C 179 0.73 19.76 16.32
N MET C 180 0.37 18.63 15.71
CA MET C 180 0.24 17.38 16.44
C MET C 180 1.14 16.32 15.83
N GLY C 181 1.89 15.61 16.67
CA GLY C 181 2.76 14.54 16.21
C GLY C 181 2.52 13.23 16.92
N VAL C 182 2.45 12.12 16.18
CA VAL C 182 2.31 10.79 16.76
C VAL C 182 3.71 10.47 17.24
N SER C 183 3.88 10.28 18.55
CA SER C 183 5.21 10.15 19.12
C SER C 183 5.53 8.87 19.82
N GLU C 184 4.52 8.19 20.37
CA GLU C 184 4.78 7.00 21.17
C GLU C 184 3.59 6.11 21.34
N TRP C 185 3.86 4.82 21.49
CA TRP C 185 2.83 3.83 21.78
C TRP C 185 3.40 2.91 22.83
N THR C 186 2.71 2.84 23.98
CA THR C 186 3.18 2.05 25.10
C THR C 186 2.05 1.30 25.72
N ASP C 187 2.08 -0.02 25.57
CA ASP C 187 1.11 -0.95 26.14
C ASP C 187 -0.35 -0.50 25.90
N GLY C 188 -0.61 -0.07 24.67
CA GLY C 188 -1.95 0.34 24.26
C GLY C 188 -2.27 1.80 24.41
N GLU C 189 -1.30 2.58 24.93
CA GLU C 189 -1.50 4.02 25.08
C GLU C 189 -0.78 4.76 23.99
N LEU C 190 -1.55 5.41 23.08
CA LEU C 190 -0.97 6.21 22.00
C LEU C 190 -0.76 7.62 22.48
N GLU C 191 0.41 8.15 22.24
CA GLU C 191 0.71 9.50 22.68
C GLU C 191 0.87 10.44 21.50
N ILE C 192 0.08 11.50 21.49
CA ILE C 192 0.14 12.54 20.45
C ILE C 192 0.62 13.84 21.07
N LYS C 193 1.84 14.23 20.74
CA LYS C 193 2.41 15.45 21.30
C LYS C 193 1.90 16.69 20.58
N ASN C 194 1.58 17.73 21.34
CA ASN C 194 1.22 19.03 20.78
C ASN C 194 2.42 19.96 21.00
N TYR C 195 3.33 19.99 20.03
CA TYR C 195 4.57 20.76 20.14
C TYR C 195 4.34 22.23 20.38
N GLY C 196 3.20 22.74 19.89
CA GLY C 196 2.88 24.15 20.00
C GLY C 196 2.02 24.64 18.86
N GLY C 197 2.36 25.83 18.39
CA GLY C 197 1.61 26.52 17.36
C GLY C 197 1.30 27.91 17.87
N THR C 198 0.38 28.61 17.22
CA THR C 198 -0.03 29.93 17.66
C THR C 198 -0.86 29.82 18.94
N TYR C 199 -0.83 30.85 19.79
CA TYR C 199 -1.48 30.75 21.09
C TYR C 199 -1.91 32.08 21.67
N THR C 200 -2.95 32.05 22.53
CA THR C 200 -3.45 33.19 23.28
C THR C 200 -4.13 32.66 24.52
N GLY C 201 -4.23 33.51 25.54
CA GLY C 201 -4.93 33.14 26.76
C GLY C 201 -6.38 32.84 26.46
N HIS C 202 -6.88 31.73 27.02
CA HIS C 202 -8.22 31.28 26.74
C HIS C 202 -8.73 30.44 27.91
N THR C 203 -10.03 30.21 27.92
CA THR C 203 -10.70 29.45 28.97
C THR C 203 -11.18 28.12 28.43
N GLN C 204 -11.27 28.00 27.07
CA GLN C 204 -11.83 26.84 26.39
C GLN C 204 -11.35 26.77 24.93
N VAL C 205 -11.33 25.56 24.35
CA VAL C 205 -10.86 25.39 22.98
C VAL C 205 -11.89 24.75 22.08
N TYR C 206 -12.08 25.31 20.88
CA TYR C 206 -12.90 24.69 19.86
C TYR C 206 -11.95 24.09 18.82
N TRP C 207 -12.08 22.79 18.56
CA TRP C 207 -11.24 22.09 17.61
C TRP C 207 -12.03 21.75 16.39
N ALA C 208 -11.58 22.16 15.21
CA ALA C 208 -12.24 21.78 13.96
C ALA C 208 -11.87 20.31 13.73
N PRO C 209 -12.56 19.59 12.83
CA PRO C 209 -12.18 18.20 12.60
C PRO C 209 -10.75 18.07 12.08
N TRP C 210 -10.15 16.92 12.27
CA TRP C 210 -8.81 16.67 11.79
C TRP C 210 -8.50 15.18 11.76
N THR C 211 -7.57 14.78 10.92
CA THR C 211 -7.14 13.39 10.84
C THR C 211 -5.66 13.33 11.04
N ILE C 212 -5.20 12.20 11.54
CA ILE C 212 -3.79 11.90 11.71
C ILE C 212 -3.59 10.42 11.43
N MET C 213 -2.50 10.07 10.76
CA MET C 213 -2.26 8.67 10.46
C MET C 213 -0.84 8.29 10.72
N TYR C 214 -0.58 6.98 10.95
CA TYR C 214 0.76 6.51 11.19
C TYR C 214 0.94 5.11 10.67
N PRO C 215 2.19 4.68 10.42
CA PRO C 215 2.40 3.31 9.91
C PRO C 215 2.02 2.26 10.92
N CYS C 216 1.33 1.22 10.45
CA CYS C 216 0.78 0.17 11.31
C CYS C 216 0.58 -1.08 10.46
N ASN C 217 1.36 -2.14 10.72
CA ASN C 217 1.25 -3.36 9.89
C ASN C 217 0.62 -4.56 10.59
N VAL C 218 -0.34 -4.31 11.47
CA VAL C 218 -1.03 -5.38 12.18
C VAL C 218 -2.35 -5.72 11.44
#